data_2PCO
#
_entry.id   2PCO
#
_cell.length_a   1.000
_cell.length_b   1.000
_cell.length_c   1.000
_cell.angle_alpha   90.00
_cell.angle_beta   90.00
_cell.angle_gamma   90.00
#
_symmetry.space_group_name_H-M   'P 1'
#
_entity_poly.entity_id   1
_entity_poly.type   'polypeptide(L)'
_entity_poly.pdbx_seq_one_letter_code
;SMWSGMWRRKLKKLRNALKKKLKGEK
;
_entity_poly.pdbx_strand_id   A
#
# COMPACT_ATOMS: atom_id res chain seq x y z
N SER A 1 8.91 -19.04 6.07
CA SER A 1 8.35 -17.74 6.40
C SER A 1 6.85 -17.73 6.10
N MET A 2 6.12 -16.95 6.88
CA MET A 2 4.70 -16.75 6.63
C MET A 2 4.47 -15.62 5.62
N TRP A 3 5.45 -14.73 5.56
CA TRP A 3 5.35 -13.57 4.68
C TRP A 3 6.23 -13.82 3.46
N SER A 4 5.75 -13.36 2.32
CA SER A 4 6.54 -13.42 1.09
C SER A 4 7.63 -12.35 1.13
N GLY A 5 8.57 -12.48 0.21
CA GLY A 5 9.66 -11.53 0.11
C GLY A 5 9.14 -10.10 0.05
N MET A 6 8.14 -9.91 -0.81
CA MET A 6 7.41 -8.65 -0.82
C MET A 6 6.40 -8.59 0.33
N TRP A 7 6.55 -7.56 1.15
CA TRP A 7 5.69 -7.42 2.32
C TRP A 7 5.64 -5.93 2.68
N ARG A 8 6.81 -5.38 2.96
CA ARG A 8 6.90 -3.98 3.36
C ARG A 8 6.50 -3.07 2.20
N ARG A 9 6.87 -3.49 1.00
CA ARG A 9 6.53 -2.74 -0.19
C ARG A 9 5.03 -2.87 -0.49
N LYS A 10 4.49 -4.00 -0.08
CA LYS A 10 3.07 -4.26 -0.27
C LYS A 10 2.26 -3.41 0.72
N LEU A 11 2.82 -3.27 1.91
CA LEU A 11 2.18 -2.46 2.94
C LEU A 11 2.29 -0.98 2.55
N LYS A 12 3.40 -0.65 1.92
CA LYS A 12 3.62 0.71 1.44
C LYS A 12 2.62 1.02 0.33
N LYS A 13 2.43 0.03 -0.54
CA LYS A 13 1.52 0.18 -1.66
C LYS A 13 0.09 0.32 -1.12
N LEU A 14 -0.20 -0.49 -0.12
CA LEU A 14 -1.52 -0.46 0.51
C LEU A 14 -1.77 0.92 1.09
N ARG A 15 -0.81 1.39 1.88
CA ARG A 15 -0.89 2.70 2.49
C ARG A 15 -1.16 3.76 1.41
N ASN A 16 -0.29 3.77 0.42
CA ASN A 16 -0.36 4.78 -0.64
C ASN A 16 -1.76 4.75 -1.25
N ALA A 17 -2.21 3.54 -1.55
CA ALA A 17 -3.48 3.36 -2.24
C ALA A 17 -4.62 3.85 -1.35
N LEU A 18 -4.49 3.55 -0.07
CA LEU A 18 -5.53 3.90 0.89
C LEU A 18 -5.62 5.43 1.00
N LYS A 19 -4.45 6.06 0.99
CA LYS A 19 -4.39 7.51 1.11
C LYS A 19 -4.96 8.15 -0.16
N LYS A 20 -4.69 7.50 -1.28
CA LYS A 20 -5.20 7.97 -2.56
C LYS A 20 -6.73 7.91 -2.55
N LYS A 21 -7.24 6.81 -2.02
CA LYS A 21 -8.68 6.59 -2.00
C LYS A 21 -9.33 7.54 -0.99
N LEU A 22 -8.60 7.78 0.10
CA LEU A 22 -9.12 8.61 1.17
C LEU A 22 -9.19 10.06 0.72
N LYS A 23 -8.14 10.49 0.04
CA LYS A 23 -8.03 11.87 -0.38
C LYS A 23 -8.92 12.10 -1.61
N GLY A 24 -8.65 11.33 -2.65
CA GLY A 24 -9.36 11.49 -3.90
C GLY A 24 -8.56 10.90 -5.07
N GLU A 25 -7.50 11.61 -5.43
CA GLU A 25 -6.66 11.18 -6.53
C GLU A 25 -5.31 11.89 -6.48
N LYS A 26 -5.36 13.21 -6.57
CA LYS A 26 -4.15 14.01 -6.67
C LYS A 26 -3.36 13.88 -5.37
N SER A 1 6.57 -19.06 2.93
CA SER A 1 6.03 -17.82 3.47
C SER A 1 4.75 -17.44 2.73
N MET A 2 3.95 -16.60 3.38
CA MET A 2 2.70 -16.16 2.78
C MET A 2 2.95 -15.11 1.70
N TRP A 3 4.00 -14.31 1.92
CA TRP A 3 4.29 -13.19 1.04
C TRP A 3 5.48 -13.58 0.16
N SER A 4 5.56 -12.93 -0.99
CA SER A 4 6.67 -13.15 -1.90
C SER A 4 6.92 -11.90 -2.74
N GLY A 5 8.19 -11.63 -2.98
CA GLY A 5 8.58 -10.40 -3.66
C GLY A 5 8.40 -9.19 -2.74
N MET A 6 7.15 -8.73 -2.65
CA MET A 6 6.84 -7.59 -1.82
C MET A 6 6.12 -8.03 -0.54
N TRP A 7 6.38 -7.30 0.54
CA TRP A 7 5.59 -7.43 1.75
C TRP A 7 5.52 -6.06 2.42
N ARG A 8 6.69 -5.55 2.78
CA ARG A 8 6.77 -4.21 3.34
C ARG A 8 6.45 -3.17 2.26
N ARG A 9 6.89 -3.46 1.05
CA ARG A 9 6.59 -2.61 -0.08
C ARG A 9 5.12 -2.76 -0.49
N LYS A 10 4.58 -3.93 -0.19
CA LYS A 10 3.17 -4.18 -0.45
C LYS A 10 2.31 -3.41 0.54
N LEU A 11 2.79 -3.35 1.78
CA LEU A 11 2.10 -2.62 2.83
C LEU A 11 2.23 -1.12 2.57
N LYS A 12 3.37 -0.75 2.01
CA LYS A 12 3.59 0.63 1.61
C LYS A 12 2.63 0.99 0.47
N LYS A 13 2.48 0.06 -0.45
CA LYS A 13 1.59 0.26 -1.58
C LYS A 13 0.15 0.36 -1.08
N LEU A 14 -0.16 -0.45 -0.08
CA LEU A 14 -1.47 -0.43 0.52
C LEU A 14 -1.74 0.95 1.13
N ARG A 15 -0.77 1.42 1.90
CA ARG A 15 -0.85 2.75 2.47
C ARG A 15 -1.12 3.78 1.37
N ASN A 16 -0.24 3.77 0.37
CA ASN A 16 -0.31 4.77 -0.68
C ASN A 16 -1.70 4.76 -1.32
N ALA A 17 -2.17 3.55 -1.60
CA ALA A 17 -3.45 3.38 -2.28
C ALA A 17 -4.57 3.88 -1.36
N LEU A 18 -4.43 3.57 -0.08
CA LEU A 18 -5.46 3.91 0.88
C LEU A 18 -5.56 5.43 0.99
N LYS A 19 -4.41 6.08 0.96
CA LYS A 19 -4.35 7.53 1.07
C LYS A 19 -5.02 8.17 -0.14
N LYS A 20 -4.82 7.53 -1.29
CA LYS A 20 -5.39 8.03 -2.53
C LYS A 20 -6.91 7.86 -2.50
N LYS A 21 -7.34 6.81 -1.83
CA LYS A 21 -8.76 6.52 -1.71
C LYS A 21 -9.40 7.55 -0.77
N LEU A 22 -8.69 7.84 0.31
CA LEU A 22 -9.19 8.78 1.31
C LEU A 22 -9.19 10.19 0.71
N LYS A 23 -8.17 10.46 -0.09
CA LYS A 23 -8.04 11.76 -0.73
C LYS A 23 -9.08 11.87 -1.85
N GLY A 24 -9.30 10.77 -2.54
CA GLY A 24 -10.07 10.79 -3.77
C GLY A 24 -9.21 11.26 -4.95
N GLU A 25 -7.96 10.83 -4.95
CA GLU A 25 -7.00 11.31 -5.92
C GLU A 25 -7.23 10.65 -7.27
N LYS A 26 -7.16 9.33 -7.28
CA LYS A 26 -7.30 8.58 -8.51
C LYS A 26 -7.53 7.10 -8.17
N SER A 1 13.72 -10.95 10.95
CA SER A 1 12.66 -9.97 10.85
C SER A 1 11.34 -10.65 10.52
N MET A 2 10.26 -9.93 10.77
CA MET A 2 8.93 -10.44 10.52
C MET A 2 8.61 -10.45 9.02
N TRP A 3 9.16 -9.46 8.33
CA TRP A 3 8.80 -9.22 6.95
C TRP A 3 9.91 -9.79 6.07
N SER A 4 9.50 -10.20 4.86
CA SER A 4 10.43 -10.81 3.93
C SER A 4 9.91 -10.64 2.50
N GLY A 5 10.85 -10.71 1.55
CA GLY A 5 10.50 -10.61 0.15
C GLY A 5 10.25 -9.14 -0.25
N MET A 6 8.99 -8.75 -0.13
CA MET A 6 8.61 -7.38 -0.44
C MET A 6 7.27 -7.02 0.22
N TRP A 7 7.06 -7.58 1.40
CA TRP A 7 5.79 -7.41 2.09
C TRP A 7 5.70 -5.95 2.55
N ARG A 8 6.86 -5.39 2.87
CA ARG A 8 6.91 -4.01 3.32
C ARG A 8 6.51 -3.06 2.19
N ARG A 9 6.89 -3.43 0.99
CA ARG A 9 6.57 -2.63 -0.19
C ARG A 9 5.09 -2.77 -0.54
N LYS A 10 4.57 -3.96 -0.27
CA LYS A 10 3.15 -4.22 -0.49
C LYS A 10 2.34 -3.40 0.52
N LEU A 11 2.84 -3.34 1.74
CA LEU A 11 2.16 -2.61 2.79
C LEU A 11 2.27 -1.11 2.52
N LYS A 12 3.39 -0.73 1.93
CA LYS A 12 3.59 0.65 1.53
C LYS A 12 2.59 1.01 0.43
N LYS A 13 2.43 0.08 -0.50
CA LYS A 13 1.50 0.28 -1.61
C LYS A 13 0.07 0.36 -1.07
N LEU A 14 -0.20 -0.46 -0.07
CA LEU A 14 -1.51 -0.46 0.57
C LEU A 14 -1.77 0.92 1.17
N ARG A 15 -0.79 1.39 1.94
CA ARG A 15 -0.88 2.72 2.53
C ARG A 15 -1.17 3.76 1.45
N ASN A 16 -0.32 3.77 0.44
CA ASN A 16 -0.41 4.77 -0.62
C ASN A 16 -1.81 4.73 -1.23
N ALA A 17 -2.27 3.51 -1.49
CA ALA A 17 -3.54 3.33 -2.18
C ALA A 17 -4.68 3.79 -1.26
N LEU A 18 -4.51 3.53 0.02
CA LEU A 18 -5.52 3.90 1.00
C LEU A 18 -5.63 5.41 1.08
N LYS A 19 -4.46 6.06 1.08
CA LYS A 19 -4.41 7.50 1.18
C LYS A 19 -4.99 8.13 -0.08
N LYS A 20 -4.74 7.46 -1.21
CA LYS A 20 -5.26 7.93 -2.48
C LYS A 20 -6.78 7.77 -2.49
N LYS A 21 -7.24 6.71 -1.85
CA LYS A 21 -8.67 6.44 -1.77
C LYS A 21 -9.34 7.53 -0.93
N LEU A 22 -8.69 7.88 0.16
CA LEU A 22 -9.27 8.79 1.13
C LEU A 22 -9.27 10.20 0.54
N LYS A 23 -8.13 10.58 0.00
CA LYS A 23 -7.94 11.94 -0.47
C LYS A 23 -8.63 12.13 -1.82
N GLY A 24 -8.35 11.20 -2.72
CA GLY A 24 -8.94 11.24 -4.05
C GLY A 24 -8.07 12.03 -5.02
N GLU A 25 -6.82 11.61 -5.12
CA GLU A 25 -5.90 12.21 -6.06
C GLU A 25 -6.00 11.52 -7.42
N LYS A 26 -5.58 12.24 -8.45
CA LYS A 26 -5.52 11.67 -9.79
C LYS A 26 -4.48 10.55 -9.81
N SER A 1 12.00 -12.74 7.52
CA SER A 1 12.09 -11.55 8.36
C SER A 1 10.84 -10.69 8.18
N MET A 2 10.52 -9.96 9.24
CA MET A 2 9.32 -9.14 9.23
C MET A 2 9.51 -7.89 8.37
N TRP A 3 8.51 -7.62 7.55
CA TRP A 3 8.52 -6.43 6.71
C TRP A 3 9.78 -6.47 5.84
N SER A 4 9.93 -7.57 5.13
CA SER A 4 11.08 -7.74 4.25
C SER A 4 10.65 -8.38 2.92
N GLY A 5 11.36 -8.02 1.87
CA GLY A 5 11.00 -8.48 0.54
C GLY A 5 9.70 -7.83 0.07
N MET A 6 8.93 -8.59 -0.69
CA MET A 6 7.62 -8.15 -1.12
C MET A 6 6.61 -8.27 0.01
N TRP A 7 6.73 -7.37 0.98
CA TRP A 7 5.86 -7.38 2.13
C TRP A 7 5.72 -5.94 2.64
N ARG A 8 6.86 -5.35 2.97
CA ARG A 8 6.90 -3.95 3.36
C ARG A 8 6.48 -3.08 2.18
N ARG A 9 6.88 -3.50 0.99
CA ARG A 9 6.55 -2.76 -0.22
C ARG A 9 5.04 -2.88 -0.52
N LYS A 10 4.50 -4.04 -0.17
CA LYS A 10 3.08 -4.28 -0.38
C LYS A 10 2.28 -3.43 0.62
N LEU A 11 2.80 -3.34 1.83
CA LEU A 11 2.15 -2.59 2.88
C LEU A 11 2.25 -1.09 2.56
N LYS A 12 3.38 -0.73 1.95
CA LYS A 12 3.59 0.64 1.52
C LYS A 12 2.60 0.98 0.41
N LYS A 13 2.43 0.03 -0.50
CA LYS A 13 1.50 0.21 -1.60
C LYS A 13 0.08 0.33 -1.05
N LEU A 14 -0.21 -0.48 -0.05
CA LEU A 14 -1.51 -0.44 0.59
C LEU A 14 -1.76 0.94 1.18
N ARG A 15 -0.79 1.42 1.93
CA ARG A 15 -0.86 2.75 2.51
C ARG A 15 -1.13 3.78 1.42
N ASN A 16 -0.28 3.77 0.41
CA ASN A 16 -0.35 4.77 -0.64
C ASN A 16 -1.74 4.75 -1.29
N ALA A 17 -2.21 3.54 -1.54
CA ALA A 17 -3.48 3.37 -2.23
C ALA A 17 -4.61 3.87 -1.32
N LEU A 18 -4.48 3.56 -0.04
CA LEU A 18 -5.49 3.94 0.94
C LEU A 18 -5.56 5.47 1.01
N LYS A 19 -4.39 6.10 0.96
CA LYS A 19 -4.32 7.54 1.04
C LYS A 19 -4.96 8.14 -0.21
N LYS A 20 -4.65 7.55 -1.35
CA LYS A 20 -5.16 8.04 -2.62
C LYS A 20 -6.69 7.97 -2.61
N LYS A 21 -7.19 6.89 -2.02
CA LYS A 21 -8.62 6.65 -2.01
C LYS A 21 -9.28 7.57 -0.96
N LEU A 22 -8.54 7.81 0.11
CA LEU A 22 -9.07 8.59 1.22
C LEU A 22 -9.21 10.06 0.77
N LYS A 23 -8.20 10.53 0.07
CA LYS A 23 -8.23 11.87 -0.48
C LYS A 23 -9.21 11.92 -1.64
N GLY A 24 -9.19 10.86 -2.44
CA GLY A 24 -10.10 10.74 -3.56
C GLY A 24 -9.51 11.39 -4.82
N GLU A 25 -8.27 11.01 -5.11
CA GLU A 25 -7.60 11.51 -6.30
C GLU A 25 -7.92 10.62 -7.50
N LYS A 26 -7.83 11.21 -8.68
CA LYS A 26 -8.09 10.48 -9.91
C LYS A 26 -7.02 9.39 -10.08
N SER A 1 2.43 -16.26 12.16
CA SER A 1 2.85 -16.57 10.80
C SER A 1 3.25 -15.29 10.07
N MET A 2 4.54 -14.99 10.12
CA MET A 2 5.07 -13.82 9.46
C MET A 2 5.03 -13.98 7.94
N TRP A 3 5.01 -12.85 7.25
CA TRP A 3 4.90 -12.85 5.80
C TRP A 3 6.23 -12.38 5.22
N SER A 4 6.41 -12.65 3.94
CA SER A 4 7.64 -12.28 3.26
C SER A 4 7.38 -12.13 1.76
N GLY A 5 8.32 -11.48 1.09
CA GLY A 5 8.20 -11.24 -0.34
C GLY A 5 7.60 -9.87 -0.62
N MET A 6 8.47 -8.86 -0.61
CA MET A 6 8.04 -7.51 -0.86
C MET A 6 6.90 -7.10 0.07
N TRP A 7 6.97 -7.61 1.30
CA TRP A 7 5.87 -7.44 2.25
C TRP A 7 5.78 -5.95 2.60
N ARG A 8 6.94 -5.37 2.87
CA ARG A 8 6.98 -3.99 3.32
C ARG A 8 6.54 -3.05 2.20
N ARG A 9 6.89 -3.44 0.98
CA ARG A 9 6.53 -2.64 -0.19
C ARG A 9 5.05 -2.80 -0.52
N LYS A 10 4.52 -3.97 -0.18
CA LYS A 10 3.11 -4.23 -0.36
C LYS A 10 2.31 -3.41 0.65
N LEU A 11 2.87 -3.30 1.85
CA LEU A 11 2.23 -2.50 2.89
C LEU A 11 2.31 -1.02 2.50
N LYS A 12 3.42 -0.66 1.88
CA LYS A 12 3.60 0.71 1.43
C LYS A 12 2.59 1.02 0.32
N LYS A 13 2.41 0.04 -0.56
CA LYS A 13 1.49 0.21 -1.66
C LYS A 13 0.06 0.32 -1.13
N LEU A 14 -0.23 -0.50 -0.13
CA LEU A 14 -1.55 -0.51 0.48
C LEU A 14 -1.80 0.87 1.10
N ARG A 15 -0.85 1.32 1.90
CA ARG A 15 -0.95 2.62 2.54
C ARG A 15 -1.20 3.71 1.49
N ASN A 16 -0.31 3.76 0.52
CA ASN A 16 -0.39 4.79 -0.50
C ASN A 16 -1.77 4.76 -1.15
N ALA A 17 -2.21 3.55 -1.49
CA ALA A 17 -3.46 3.38 -2.22
C ALA A 17 -4.61 3.85 -1.33
N LEU A 18 -4.52 3.52 -0.05
CA LEU A 18 -5.57 3.83 0.89
C LEU A 18 -5.67 5.36 1.04
N LYS A 19 -4.51 5.99 1.08
CA LYS A 19 -4.46 7.43 1.24
C LYS A 19 -5.01 8.10 -0.01
N LYS A 20 -4.75 7.46 -1.15
CA LYS A 20 -5.23 7.98 -2.43
C LYS A 20 -6.76 7.88 -2.46
N LYS A 21 -7.27 6.80 -1.90
CA LYS A 21 -8.70 6.58 -1.86
C LYS A 21 -9.36 7.62 -0.95
N LEU A 22 -8.70 7.86 0.18
CA LEU A 22 -9.22 8.79 1.17
C LEU A 22 -9.13 10.21 0.62
N LYS A 23 -8.09 10.44 -0.17
CA LYS A 23 -7.90 11.73 -0.81
C LYS A 23 -8.99 11.95 -1.85
N GLY A 24 -9.23 10.91 -2.63
CA GLY A 24 -10.14 11.01 -3.75
C GLY A 24 -9.42 11.49 -5.02
N GLU A 25 -8.91 12.71 -4.94
CA GLU A 25 -8.06 13.23 -5.99
C GLU A 25 -8.79 13.21 -7.33
N LYS A 26 -9.77 14.09 -7.45
CA LYS A 26 -10.65 14.08 -8.60
C LYS A 26 -11.42 15.41 -8.66
N SER A 1 2.78 -20.05 6.10
CA SER A 1 2.22 -18.86 5.49
C SER A 1 3.21 -17.70 5.59
N MET A 2 3.19 -16.85 4.57
CA MET A 2 4.10 -15.72 4.51
C MET A 2 3.60 -14.67 3.52
N TRP A 3 3.78 -13.41 3.89
CA TRP A 3 3.49 -12.31 3.00
C TRP A 3 4.67 -12.14 2.05
N SER A 4 4.76 -13.06 1.10
CA SER A 4 5.88 -13.07 0.16
C SER A 4 5.76 -11.88 -0.79
N GLY A 5 6.91 -11.45 -1.29
CA GLY A 5 6.96 -10.35 -2.24
C GLY A 5 7.09 -9.01 -1.52
N MET A 6 8.10 -8.92 -0.67
CA MET A 6 8.34 -7.71 0.09
C MET A 6 7.04 -7.22 0.76
N TRP A 7 6.76 -7.80 1.92
CA TRP A 7 5.59 -7.41 2.69
C TRP A 7 5.59 -5.89 2.82
N ARG A 8 6.77 -5.36 3.11
CA ARG A 8 6.90 -3.97 3.50
C ARG A 8 6.47 -3.05 2.36
N ARG A 9 6.83 -3.45 1.15
CA ARG A 9 6.51 -2.67 -0.04
C ARG A 9 5.02 -2.82 -0.38
N LYS A 10 4.48 -3.98 -0.02
CA LYS A 10 3.07 -4.23 -0.22
C LYS A 10 2.27 -3.37 0.77
N LEU A 11 2.83 -3.19 1.95
CA LEU A 11 2.20 -2.36 2.96
C LEU A 11 2.31 -0.89 2.54
N LYS A 12 3.42 -0.57 1.90
CA LYS A 12 3.63 0.77 1.38
C LYS A 12 2.62 1.04 0.27
N LYS A 13 2.41 0.03 -0.57
CA LYS A 13 1.48 0.14 -1.67
C LYS A 13 0.06 0.31 -1.12
N LEU A 14 -0.23 -0.46 -0.08
CA LEU A 14 -1.53 -0.38 0.57
C LEU A 14 -1.76 1.03 1.09
N ARG A 15 -0.78 1.51 1.86
CA ARG A 15 -0.85 2.86 2.39
C ARG A 15 -1.12 3.87 1.26
N ASN A 16 -0.26 3.82 0.26
CA ASN A 16 -0.35 4.77 -0.84
C ASN A 16 -1.76 4.73 -1.43
N ALA A 17 -2.24 3.51 -1.67
CA ALA A 17 -3.50 3.32 -2.36
C ALA A 17 -4.64 3.80 -1.46
N LEU A 18 -4.46 3.59 -0.16
CA LEU A 18 -5.49 3.92 0.80
C LEU A 18 -5.64 5.45 0.89
N LYS A 19 -4.51 6.12 0.82
CA LYS A 19 -4.51 7.57 0.84
C LYS A 19 -5.13 8.10 -0.46
N LYS A 20 -4.85 7.39 -1.54
CA LYS A 20 -5.40 7.75 -2.84
C LYS A 20 -6.93 7.67 -2.78
N LYS A 21 -7.41 6.68 -2.04
CA LYS A 21 -8.84 6.45 -1.93
C LYS A 21 -9.46 7.53 -1.05
N LEU A 22 -8.90 7.66 0.15
CA LEU A 22 -9.54 8.45 1.19
C LEU A 22 -9.31 9.94 0.93
N LYS A 23 -8.05 10.29 0.78
CA LYS A 23 -7.67 11.69 0.65
C LYS A 23 -7.89 12.15 -0.78
N GLY A 24 -7.42 11.33 -1.71
CA GLY A 24 -7.47 11.68 -3.12
C GLY A 24 -6.15 11.36 -3.82
N GLU A 25 -5.06 11.82 -3.21
CA GLU A 25 -3.74 11.59 -3.77
C GLU A 25 -2.67 11.79 -2.69
N LYS A 26 -2.63 13.02 -2.17
CA LYS A 26 -1.54 13.43 -1.30
C LYS A 26 -1.93 14.72 -0.58
N SER A 1 10.15 -18.41 1.15
CA SER A 1 9.36 -18.22 2.36
C SER A 1 8.34 -17.10 2.15
N MET A 2 7.20 -17.27 2.79
CA MET A 2 6.12 -16.29 2.66
C MET A 2 6.41 -15.06 3.51
N TRP A 3 5.75 -13.96 3.17
CA TRP A 3 5.91 -12.72 3.90
C TRP A 3 7.39 -12.34 3.84
N SER A 4 7.86 -12.05 2.64
CA SER A 4 9.23 -11.63 2.44
C SER A 4 9.36 -10.89 1.11
N GLY A 5 10.36 -10.01 1.06
CA GLY A 5 10.60 -9.22 -0.13
C GLY A 5 9.45 -8.24 -0.37
N MET A 6 8.55 -8.63 -1.26
CA MET A 6 7.36 -7.84 -1.51
C MET A 6 6.33 -8.01 -0.39
N TRP A 7 6.58 -7.31 0.71
CA TRP A 7 5.68 -7.37 1.85
C TRP A 7 5.59 -5.97 2.45
N ARG A 8 6.75 -5.45 2.84
CA ARG A 8 6.84 -4.07 3.31
C ARG A 8 6.48 -3.11 2.18
N ARG A 9 6.89 -3.47 0.97
CA ARG A 9 6.57 -2.67 -0.20
C ARG A 9 5.09 -2.80 -0.53
N LYS A 10 4.53 -3.96 -0.20
CA LYS A 10 3.13 -4.21 -0.45
C LYS A 10 2.29 -3.41 0.55
N LEU A 11 2.81 -3.31 1.77
CA LEU A 11 2.13 -2.56 2.81
C LEU A 11 2.26 -1.06 2.52
N LYS A 12 3.38 -0.71 1.90
CA LYS A 12 3.61 0.67 1.48
C LYS A 12 2.61 1.01 0.36
N LYS A 13 2.44 0.06 -0.54
CA LYS A 13 1.52 0.23 -1.65
C LYS A 13 0.09 0.36 -1.11
N LEU A 14 -0.20 -0.48 -0.12
CA LEU A 14 -1.51 -0.46 0.51
C LEU A 14 -1.76 0.92 1.13
N ARG A 15 -0.80 1.36 1.91
CA ARG A 15 -0.88 2.67 2.55
C ARG A 15 -1.15 3.74 1.50
N ASN A 16 -0.28 3.78 0.50
CA ASN A 16 -0.36 4.80 -0.52
C ASN A 16 -1.75 4.78 -1.15
N ALA A 17 -2.20 3.57 -1.48
CA ALA A 17 -3.46 3.40 -2.19
C ALA A 17 -4.60 3.87 -1.28
N LEU A 18 -4.48 3.56 0.00
CA LEU A 18 -5.51 3.90 0.96
C LEU A 18 -5.62 5.42 1.07
N LYS A 19 -4.46 6.05 1.14
CA LYS A 19 -4.42 7.50 1.26
C LYS A 19 -4.99 8.14 0.00
N LYS A 20 -4.70 7.51 -1.13
CA LYS A 20 -5.20 8.00 -2.41
C LYS A 20 -6.72 7.90 -2.42
N LYS A 21 -7.24 6.83 -1.84
CA LYS A 21 -8.67 6.58 -1.84
C LYS A 21 -9.35 7.56 -0.88
N LEU A 22 -8.64 7.86 0.21
CA LEU A 22 -9.16 8.79 1.19
C LEU A 22 -9.14 10.20 0.60
N LYS A 23 -8.14 10.45 -0.24
CA LYS A 23 -8.06 11.71 -0.96
C LYS A 23 -9.19 11.78 -1.99
N GLY A 24 -9.47 10.64 -2.60
CA GLY A 24 -10.52 10.55 -3.59
C GLY A 24 -9.95 10.60 -5.01
N GLU A 25 -8.73 10.11 -5.14
CA GLU A 25 -8.13 9.93 -6.44
C GLU A 25 -8.18 11.23 -7.24
N LYS A 26 -7.36 12.18 -6.83
CA LYS A 26 -7.41 13.51 -7.40
C LYS A 26 -6.13 14.27 -7.01
N SER A 1 0.87 -16.39 2.08
CA SER A 1 1.87 -15.90 3.02
C SER A 1 2.83 -14.94 2.32
N MET A 2 3.44 -14.08 3.12
CA MET A 2 4.42 -13.14 2.60
C MET A 2 5.69 -13.15 3.44
N TRP A 3 6.75 -12.60 2.86
CA TRP A 3 8.02 -12.49 3.56
C TRP A 3 8.44 -11.01 3.54
N SER A 4 9.37 -10.69 4.43
CA SER A 4 9.78 -9.32 4.61
C SER A 4 10.38 -8.77 3.31
N GLY A 5 10.37 -7.45 3.20
CA GLY A 5 10.74 -6.80 1.96
C GLY A 5 9.53 -6.68 1.02
N MET A 6 9.12 -7.81 0.49
CA MET A 6 7.92 -7.85 -0.34
C MET A 6 6.69 -7.39 0.46
N TRP A 7 6.60 -7.88 1.68
CA TRP A 7 5.47 -7.57 2.53
C TRP A 7 5.47 -6.07 2.79
N ARG A 8 6.66 -5.55 3.05
CA ARG A 8 6.80 -4.15 3.43
C ARG A 8 6.45 -3.24 2.24
N ARG A 9 6.85 -3.68 1.06
CA ARG A 9 6.54 -2.94 -0.15
C ARG A 9 5.04 -2.97 -0.43
N LYS A 10 4.44 -4.11 -0.09
CA LYS A 10 3.01 -4.29 -0.31
C LYS A 10 2.23 -3.43 0.68
N LEU A 11 2.78 -3.33 1.88
CA LEU A 11 2.17 -2.51 2.92
C LEU A 11 2.30 -1.03 2.53
N LYS A 12 3.44 -0.71 1.93
CA LYS A 12 3.68 0.64 1.46
C LYS A 12 2.68 0.98 0.35
N LYS A 13 2.47 0.02 -0.53
CA LYS A 13 1.56 0.21 -1.65
C LYS A 13 0.14 0.36 -1.10
N LEU A 14 -0.16 -0.43 -0.09
CA LEU A 14 -1.48 -0.39 0.54
C LEU A 14 -1.72 1.02 1.10
N ARG A 15 -0.75 1.47 1.88
CA ARG A 15 -0.82 2.81 2.44
C ARG A 15 -1.06 3.85 1.35
N ASN A 16 -0.19 3.82 0.35
CA ASN A 16 -0.23 4.82 -0.71
C ASN A 16 -1.62 4.81 -1.35
N ALA A 17 -2.10 3.61 -1.62
CA ALA A 17 -3.39 3.46 -2.30
C ALA A 17 -4.50 3.98 -1.38
N LEU A 18 -4.37 3.66 -0.11
CA LEU A 18 -5.40 4.00 0.86
C LEU A 18 -5.51 5.52 0.97
N LYS A 19 -4.36 6.17 0.92
CA LYS A 19 -4.32 7.62 1.05
C LYS A 19 -5.03 8.26 -0.15
N LYS A 20 -4.77 7.70 -1.32
CA LYS A 20 -5.35 8.23 -2.54
C LYS A 20 -6.87 7.99 -2.53
N LYS A 21 -7.25 6.86 -1.98
CA LYS A 21 -8.66 6.50 -1.90
C LYS A 21 -9.34 7.40 -0.86
N LEU A 22 -8.61 7.73 0.19
CA LEU A 22 -9.13 8.54 1.26
C LEU A 22 -9.31 9.97 0.77
N LYS A 23 -8.32 10.43 0.01
CA LYS A 23 -8.32 11.81 -0.47
C LYS A 23 -9.29 11.93 -1.64
N GLY A 24 -9.45 10.83 -2.36
CA GLY A 24 -10.30 10.81 -3.53
C GLY A 24 -9.50 11.11 -4.80
N GLU A 25 -8.20 10.88 -4.70
CA GLU A 25 -7.32 11.02 -5.86
C GLU A 25 -7.40 9.77 -6.73
N LYS A 26 -7.53 8.63 -6.07
CA LYS A 26 -7.72 7.37 -6.77
C LYS A 26 -6.55 7.15 -7.72
N SER A 1 3.55 -18.35 4.72
CA SER A 1 3.38 -16.91 4.75
C SER A 1 2.50 -16.48 3.58
N MET A 2 1.86 -15.33 3.75
CA MET A 2 1.00 -14.79 2.71
C MET A 2 1.82 -14.13 1.60
N TRP A 3 3.01 -13.68 1.97
CA TRP A 3 3.88 -12.99 1.03
C TRP A 3 4.91 -13.99 0.51
N SER A 4 5.20 -13.86 -0.78
CA SER A 4 6.27 -14.66 -1.37
C SER A 4 7.60 -13.93 -1.25
N GLY A 5 7.52 -12.65 -0.92
CA GLY A 5 8.71 -11.83 -0.78
C GLY A 5 8.35 -10.36 -0.58
N MET A 6 7.56 -9.85 -1.51
CA MET A 6 7.06 -8.48 -1.42
C MET A 6 6.01 -8.36 -0.31
N TRP A 7 6.36 -7.61 0.71
CA TRP A 7 5.55 -7.55 1.92
C TRP A 7 5.51 -6.09 2.39
N ARG A 8 6.68 -5.59 2.75
CA ARG A 8 6.78 -4.25 3.32
C ARG A 8 6.46 -3.20 2.24
N ARG A 9 6.90 -3.49 1.03
CA ARG A 9 6.60 -2.62 -0.09
C ARG A 9 5.13 -2.76 -0.50
N LYS A 10 4.57 -3.92 -0.21
CA LYS A 10 3.17 -4.16 -0.48
C LYS A 10 2.31 -3.38 0.53
N LEU A 11 2.82 -3.32 1.75
CA LEU A 11 2.12 -2.59 2.81
C LEU A 11 2.25 -1.09 2.55
N LYS A 12 3.39 -0.71 1.98
CA LYS A 12 3.61 0.66 1.58
C LYS A 12 2.63 1.02 0.46
N LYS A 13 2.47 0.09 -0.47
CA LYS A 13 1.57 0.29 -1.60
C LYS A 13 0.14 0.38 -1.08
N LEU A 14 -0.15 -0.44 -0.08
CA LEU A 14 -1.47 -0.43 0.54
C LEU A 14 -1.73 0.95 1.14
N ARG A 15 -0.76 1.41 1.91
CA ARG A 15 -0.85 2.75 2.50
C ARG A 15 -1.14 3.79 1.41
N ASN A 16 -0.28 3.79 0.40
CA ASN A 16 -0.36 4.80 -0.64
C ASN A 16 -1.76 4.76 -1.27
N ALA A 17 -2.21 3.55 -1.55
CA ALA A 17 -3.49 3.37 -2.23
C ALA A 17 -4.62 3.85 -1.32
N LEU A 18 -4.48 3.54 -0.04
CA LEU A 18 -5.50 3.89 0.93
C LEU A 18 -5.61 5.40 1.04
N LYS A 19 -4.45 6.06 1.04
CA LYS A 19 -4.40 7.50 1.15
C LYS A 19 -5.00 8.13 -0.11
N LYS A 20 -4.76 7.47 -1.23
CA LYS A 20 -5.30 7.93 -2.50
C LYS A 20 -6.83 7.85 -2.48
N LYS A 21 -7.31 6.79 -1.84
CA LYS A 21 -8.75 6.56 -1.76
C LYS A 21 -9.38 7.60 -0.83
N LEU A 22 -8.68 7.86 0.27
CA LEU A 22 -9.16 8.81 1.26
C LEU A 22 -9.13 10.22 0.67
N LYS A 23 -8.13 10.45 -0.17
CA LYS A 23 -8.02 11.72 -0.87
C LYS A 23 -9.15 11.84 -1.90
N GLY A 24 -9.40 10.74 -2.59
CA GLY A 24 -10.32 10.75 -3.71
C GLY A 24 -9.68 11.36 -4.95
N GLU A 25 -8.42 11.00 -5.18
CA GLU A 25 -7.65 11.60 -6.25
C GLU A 25 -8.13 11.08 -7.61
N LYS A 26 -8.21 12.00 -8.55
CA LYS A 26 -8.70 11.66 -9.88
C LYS A 26 -8.33 12.78 -10.85
N SER A 1 -4.64 -3.22 -10.97
CA SER A 1 -3.44 -3.11 -10.16
C SER A 1 -3.75 -3.45 -8.71
N MET A 2 -2.74 -3.91 -8.00
CA MET A 2 -2.89 -4.28 -6.60
C MET A 2 -1.56 -4.22 -5.86
N TRP A 3 -1.64 -3.87 -4.59
CA TRP A 3 -0.46 -3.83 -3.75
C TRP A 3 0.22 -5.20 -3.82
N SER A 4 1.47 -5.19 -4.24
CA SER A 4 2.21 -6.42 -4.45
C SER A 4 3.71 -6.15 -4.40
N GLY A 5 4.43 -7.09 -3.82
CA GLY A 5 5.86 -6.93 -3.62
C GLY A 5 6.43 -8.06 -2.76
N MET A 6 6.32 -7.88 -1.45
CA MET A 6 6.82 -8.88 -0.52
C MET A 6 6.09 -8.78 0.82
N TRP A 7 6.21 -7.60 1.43
CA TRP A 7 5.65 -7.39 2.76
C TRP A 7 5.59 -5.89 3.00
N ARG A 8 6.75 -5.30 3.22
CA ARG A 8 6.83 -3.89 3.54
C ARG A 8 6.45 -3.04 2.32
N ARG A 9 6.75 -3.59 1.15
CA ARG A 9 6.35 -2.96 -0.10
C ARG A 9 4.83 -3.04 -0.28
N LYS A 10 4.27 -4.13 0.21
CA LYS A 10 2.82 -4.32 0.16
C LYS A 10 2.15 -3.28 1.06
N LEU A 11 2.74 -3.10 2.23
CA LEU A 11 2.19 -2.14 3.19
C LEU A 11 2.33 -0.73 2.62
N LYS A 12 3.42 -0.51 1.91
CA LYS A 12 3.69 0.81 1.35
C LYS A 12 2.67 1.11 0.25
N LYS A 13 2.42 0.10 -0.58
CA LYS A 13 1.54 0.28 -1.71
C LYS A 13 0.09 0.34 -1.23
N LEU A 14 -0.17 -0.39 -0.16
CA LEU A 14 -1.48 -0.34 0.48
C LEU A 14 -1.73 1.08 1.01
N ARG A 15 -0.76 1.58 1.76
CA ARG A 15 -0.83 2.93 2.26
C ARG A 15 -1.11 3.92 1.12
N ASN A 16 -0.25 3.85 0.11
CA ASN A 16 -0.33 4.78 -1.00
C ASN A 16 -1.73 4.72 -1.61
N ALA A 17 -2.21 3.50 -1.81
CA ALA A 17 -3.50 3.29 -2.46
C ALA A 17 -4.61 3.85 -1.56
N LEU A 18 -4.44 3.61 -0.26
CA LEU A 18 -5.45 3.98 0.70
C LEU A 18 -5.58 5.51 0.74
N LYS A 19 -4.44 6.17 0.65
CA LYS A 19 -4.40 7.62 0.71
C LYS A 19 -5.08 8.19 -0.53
N LYS A 20 -4.84 7.54 -1.66
CA LYS A 20 -5.42 7.97 -2.92
C LYS A 20 -6.95 7.80 -2.86
N LYS A 21 -7.36 6.72 -2.21
CA LYS A 21 -8.77 6.37 -2.17
C LYS A 21 -9.48 7.26 -1.14
N LEU A 22 -8.81 7.50 -0.04
CA LEU A 22 -9.44 8.11 1.12
C LEU A 22 -9.32 9.63 1.02
N LYS A 23 -8.07 10.10 1.08
CA LYS A 23 -7.81 11.52 1.22
C LYS A 23 -7.82 12.16 -0.17
N GLY A 24 -7.43 11.38 -1.16
CA GLY A 24 -7.21 11.90 -2.49
C GLY A 24 -5.91 12.69 -2.57
N GLU A 25 -4.86 12.09 -2.03
CA GLU A 25 -3.56 12.74 -1.99
C GLU A 25 -3.67 14.12 -1.34
N LYS A 26 -3.80 14.11 -0.03
CA LYS A 26 -4.03 15.33 0.73
C LYS A 26 -3.77 15.07 2.21
N SER A 1 19.21 -14.67 0.61
CA SER A 1 18.30 -14.15 1.61
C SER A 1 16.91 -13.94 1.00
N MET A 2 15.90 -13.95 1.86
CA MET A 2 14.53 -13.76 1.41
C MET A 2 13.81 -12.72 2.26
N TRP A 3 12.66 -12.30 1.77
CA TRP A 3 11.83 -11.37 2.51
C TRP A 3 12.63 -10.09 2.72
N SER A 4 12.91 -9.42 1.61
CA SER A 4 13.69 -8.19 1.64
C SER A 4 12.78 -7.01 1.93
N GLY A 5 11.49 -7.24 1.77
CA GLY A 5 10.50 -6.22 2.07
C GLY A 5 9.08 -6.81 2.10
N MET A 6 8.98 -7.99 2.70
CA MET A 6 7.70 -8.68 2.78
C MET A 6 6.78 -8.00 3.79
N TRP A 7 5.54 -7.76 3.36
CA TRP A 7 4.57 -7.10 4.20
C TRP A 7 5.14 -5.75 4.62
N ARG A 8 5.82 -5.11 3.68
CA ARG A 8 6.39 -3.80 3.94
C ARG A 8 6.34 -2.94 2.67
N ARG A 9 6.77 -3.54 1.57
CA ARG A 9 6.51 -2.98 0.25
C ARG A 9 5.01 -2.98 -0.04
N LYS A 10 4.32 -3.93 0.58
CA LYS A 10 2.87 -3.99 0.48
C LYS A 10 2.27 -2.78 1.20
N LEU A 11 2.97 -2.33 2.23
CA LEU A 11 2.49 -1.23 3.03
C LEU A 11 3.07 0.08 2.50
N LYS A 12 3.60 0.00 1.28
CA LYS A 12 3.86 1.19 0.50
C LYS A 12 3.15 1.08 -0.85
N LYS A 13 2.04 0.34 -0.84
CA LYS A 13 1.25 0.16 -2.04
C LYS A 13 -0.23 0.11 -1.67
N LEU A 14 -0.55 -0.82 -0.79
CA LEU A 14 -1.89 -0.90 -0.23
C LEU A 14 -2.19 0.37 0.58
N ARG A 15 -1.23 0.71 1.43
CA ARG A 15 -1.33 1.93 2.22
C ARG A 15 -1.47 3.15 1.30
N ASN A 16 -0.51 3.28 0.39
CA ASN A 16 -0.47 4.42 -0.49
C ASN A 16 -1.82 4.55 -1.22
N ALA A 17 -2.29 3.41 -1.71
CA ALA A 17 -3.52 3.41 -2.49
C ALA A 17 -4.69 3.81 -1.61
N LEU A 18 -4.70 3.27 -0.40
CA LEU A 18 -5.78 3.55 0.54
C LEU A 18 -5.82 5.04 0.84
N LYS A 19 -4.63 5.61 1.04
CA LYS A 19 -4.53 7.02 1.39
C LYS A 19 -4.98 7.87 0.20
N LYS A 20 -4.65 7.39 -1.00
CA LYS A 20 -5.04 8.09 -2.21
C LYS A 20 -6.57 8.07 -2.33
N LYS A 21 -7.15 6.96 -1.89
CA LYS A 21 -8.59 6.79 -1.98
C LYS A 21 -9.27 7.73 -0.97
N LEU A 22 -8.68 7.80 0.22
CA LEU A 22 -9.24 8.60 1.30
C LEU A 22 -9.11 10.08 0.95
N LYS A 23 -7.98 10.43 0.35
CA LYS A 23 -7.66 11.82 0.10
C LYS A 23 -8.33 12.26 -1.20
N GLY A 24 -7.90 11.66 -2.29
CA GLY A 24 -8.23 12.18 -3.61
C GLY A 24 -9.40 11.42 -4.23
N GLU A 25 -9.18 10.13 -4.45
CA GLU A 25 -10.10 9.33 -5.25
C GLU A 25 -11.22 8.79 -4.36
N LYS A 26 -12.02 9.71 -3.86
CA LYS A 26 -13.16 9.34 -3.03
C LYS A 26 -14.16 8.56 -3.87
N SER A 1 7.29 -17.99 2.36
CA SER A 1 6.88 -16.59 2.42
C SER A 1 5.45 -16.44 1.91
N MET A 2 4.53 -16.26 2.86
CA MET A 2 3.13 -16.05 2.52
C MET A 2 2.93 -14.76 1.73
N TRP A 3 3.46 -13.68 2.28
CA TRP A 3 3.42 -12.39 1.62
C TRP A 3 4.72 -12.22 0.82
N SER A 4 4.80 -12.95 -0.28
CA SER A 4 5.99 -12.90 -1.12
C SER A 4 6.04 -11.57 -1.88
N GLY A 5 7.25 -11.19 -2.25
CA GLY A 5 7.45 -9.97 -3.02
C GLY A 5 7.44 -8.74 -2.11
N MET A 6 8.32 -8.76 -1.12
CA MET A 6 8.52 -7.61 -0.26
C MET A 6 7.20 -7.17 0.37
N TRP A 7 6.89 -7.76 1.52
CA TRP A 7 5.64 -7.50 2.20
C TRP A 7 5.60 -6.01 2.55
N ARG A 8 6.78 -5.49 2.89
CA ARG A 8 6.88 -4.12 3.36
C ARG A 8 6.47 -3.15 2.25
N ARG A 9 6.87 -3.48 1.03
CA ARG A 9 6.57 -2.63 -0.11
C ARG A 9 5.10 -2.76 -0.49
N LYS A 10 4.56 -3.94 -0.24
CA LYS A 10 3.15 -4.19 -0.50
C LYS A 10 2.30 -3.42 0.52
N LEU A 11 2.82 -3.33 1.74
CA LEU A 11 2.15 -2.60 2.79
C LEU A 11 2.26 -1.10 2.51
N LYS A 12 3.39 -0.72 1.94
CA LYS A 12 3.60 0.66 1.53
C LYS A 12 2.62 1.02 0.42
N LYS A 13 2.44 0.07 -0.49
CA LYS A 13 1.52 0.26 -1.60
C LYS A 13 0.10 0.36 -1.07
N LEU A 14 -0.19 -0.46 -0.08
CA LEU A 14 -1.50 -0.45 0.55
C LEU A 14 -1.76 0.94 1.15
N ARG A 15 -0.79 1.41 1.92
CA ARG A 15 -0.86 2.74 2.50
C ARG A 15 -1.14 3.78 1.42
N ASN A 16 -0.28 3.77 0.41
CA ASN A 16 -0.37 4.78 -0.65
C ASN A 16 -1.77 4.75 -1.26
N ALA A 17 -2.23 3.54 -1.55
CA ALA A 17 -3.51 3.36 -2.22
C ALA A 17 -4.63 3.86 -1.30
N LEU A 18 -4.48 3.55 -0.02
CA LEU A 18 -5.50 3.92 0.95
C LEU A 18 -5.59 5.43 1.05
N LYS A 19 -4.43 6.08 0.99
CA LYS A 19 -4.35 7.52 1.13
C LYS A 19 -5.00 8.18 -0.09
N LYS A 20 -4.76 7.56 -1.25
CA LYS A 20 -5.31 8.08 -2.49
C LYS A 20 -6.83 7.90 -2.48
N LYS A 21 -7.27 6.79 -1.91
CA LYS A 21 -8.69 6.51 -1.81
C LYS A 21 -9.34 7.49 -0.84
N LEU A 22 -8.59 7.81 0.21
CA LEU A 22 -9.09 8.73 1.23
C LEU A 22 -9.16 10.14 0.64
N LYS A 23 -8.14 10.47 -0.15
CA LYS A 23 -8.05 11.81 -0.72
C LYS A 23 -9.05 11.94 -1.87
N GLY A 24 -9.25 10.83 -2.58
CA GLY A 24 -9.99 10.87 -3.82
C GLY A 24 -9.08 11.19 -5.01
N GLU A 25 -7.81 10.84 -4.85
CA GLU A 25 -6.82 11.13 -5.86
C GLU A 25 -6.77 10.01 -6.90
N LYS A 26 -6.64 10.41 -8.16
CA LYS A 26 -6.63 9.44 -9.25
C LYS A 26 -5.40 8.55 -9.13
N SER A 1 2.24 -17.10 2.60
CA SER A 1 2.57 -15.85 3.28
C SER A 1 3.51 -15.02 2.41
N MET A 2 3.51 -13.72 2.67
CA MET A 2 4.52 -12.84 2.10
C MET A 2 5.82 -12.91 2.89
N TRP A 3 6.87 -12.36 2.28
CA TRP A 3 8.19 -12.39 2.90
C TRP A 3 8.68 -10.95 3.04
N SER A 4 9.64 -10.77 3.93
CA SER A 4 10.09 -9.43 4.29
C SER A 4 10.61 -8.70 3.05
N GLY A 5 10.49 -7.38 3.08
CA GLY A 5 10.84 -6.57 1.93
C GLY A 5 9.66 -6.46 0.96
N MET A 6 9.31 -7.60 0.37
CA MET A 6 8.14 -7.65 -0.49
C MET A 6 6.86 -7.30 0.29
N TRP A 7 6.82 -7.77 1.53
CA TRP A 7 5.68 -7.51 2.39
C TRP A 7 5.63 -6.01 2.68
N ARG A 8 6.81 -5.46 2.92
CA ARG A 8 6.92 -4.05 3.26
C ARG A 8 6.47 -3.18 2.09
N ARG A 9 6.85 -3.61 0.90
CA ARG A 9 6.47 -2.89 -0.30
C ARG A 9 4.97 -2.98 -0.52
N LYS A 10 4.42 -4.14 -0.19
CA LYS A 10 2.98 -4.35 -0.31
C LYS A 10 2.26 -3.42 0.67
N LEU A 11 2.80 -3.35 1.88
CA LEU A 11 2.20 -2.53 2.92
C LEU A 11 2.31 -1.05 2.53
N LYS A 12 3.44 -0.71 1.93
CA LYS A 12 3.68 0.66 1.50
C LYS A 12 2.66 1.05 0.42
N LYS A 13 2.46 0.13 -0.51
CA LYS A 13 1.56 0.38 -1.62
C LYS A 13 0.12 0.45 -1.11
N LEU A 14 -0.16 -0.39 -0.12
CA LEU A 14 -1.47 -0.40 0.50
C LEU A 14 -1.74 0.97 1.13
N ARG A 15 -0.79 1.43 1.92
CA ARG A 15 -0.89 2.74 2.53
C ARG A 15 -1.15 3.81 1.46
N ASN A 16 -0.28 3.82 0.46
CA ASN A 16 -0.34 4.85 -0.57
C ASN A 16 -1.72 4.84 -1.20
N ALA A 17 -2.18 3.65 -1.53
CA ALA A 17 -3.44 3.48 -2.24
C ALA A 17 -4.59 3.93 -1.32
N LEU A 18 -4.46 3.58 -0.06
CA LEU A 18 -5.50 3.90 0.91
C LEU A 18 -5.62 5.42 1.05
N LYS A 19 -4.45 6.06 1.08
CA LYS A 19 -4.41 7.51 1.26
C LYS A 19 -4.98 8.20 0.02
N LYS A 20 -4.70 7.58 -1.13
CA LYS A 20 -5.18 8.13 -2.39
C LYS A 20 -6.70 7.99 -2.46
N LYS A 21 -7.18 6.87 -1.94
CA LYS A 21 -8.61 6.58 -1.95
C LYS A 21 -9.31 7.46 -0.90
N LEU A 22 -8.57 7.77 0.16
CA LEU A 22 -9.07 8.67 1.19
C LEU A 22 -9.16 10.08 0.62
N LYS A 23 -8.18 10.42 -0.20
CA LYS A 23 -8.19 11.70 -0.90
C LYS A 23 -9.33 11.71 -1.92
N GLY A 24 -9.57 10.54 -2.50
CA GLY A 24 -10.64 10.40 -3.46
C GLY A 24 -10.11 10.50 -4.90
N GLU A 25 -8.83 10.24 -5.03
CA GLU A 25 -8.19 10.25 -6.34
C GLU A 25 -8.40 11.60 -7.01
N LYS A 26 -8.50 12.63 -6.19
CA LYS A 26 -8.68 13.99 -6.70
C LYS A 26 -7.44 14.41 -7.48
N SER A 1 0.84 -18.30 6.37
CA SER A 1 0.93 -17.36 5.27
C SER A 1 2.38 -16.90 5.09
N MET A 2 2.72 -16.61 3.84
CA MET A 2 4.06 -16.15 3.52
C MET A 2 4.02 -14.95 2.57
N TRP A 3 5.03 -14.11 2.68
CA TRP A 3 5.14 -12.94 1.82
C TRP A 3 6.56 -12.89 1.25
N SER A 4 6.83 -13.78 0.33
CA SER A 4 8.16 -13.90 -0.24
C SER A 4 8.43 -12.72 -1.18
N GLY A 5 9.67 -12.25 -1.14
CA GLY A 5 10.07 -11.14 -1.98
C GLY A 5 9.57 -9.81 -1.42
N MET A 6 8.29 -9.56 -1.65
CA MET A 6 7.69 -8.29 -1.26
C MET A 6 6.76 -8.47 -0.06
N TRP A 7 6.80 -7.50 0.83
CA TRP A 7 5.87 -7.46 1.95
C TRP A 7 5.73 -6.01 2.41
N ARG A 8 6.88 -5.44 2.79
CA ARG A 8 6.89 -4.06 3.25
C ARG A 8 6.51 -3.11 2.11
N ARG A 9 6.90 -3.50 0.91
CA ARG A 9 6.59 -2.70 -0.27
C ARG A 9 5.09 -2.79 -0.59
N LYS A 10 4.54 -3.96 -0.32
CA LYS A 10 3.11 -4.19 -0.55
C LYS A 10 2.31 -3.40 0.48
N LEU A 11 2.83 -3.36 1.70
CA LEU A 11 2.16 -2.65 2.78
C LEU A 11 2.28 -1.14 2.53
N LYS A 12 3.40 -0.75 1.97
CA LYS A 12 3.61 0.64 1.59
C LYS A 12 2.62 1.02 0.49
N LYS A 13 2.45 0.10 -0.45
CA LYS A 13 1.53 0.32 -1.56
C LYS A 13 0.10 0.39 -1.01
N LEU A 14 -0.16 -0.43 -0.02
CA LEU A 14 -1.48 -0.46 0.61
C LEU A 14 -1.78 0.91 1.23
N ARG A 15 -0.81 1.40 1.99
CA ARG A 15 -0.93 2.71 2.60
C ARG A 15 -1.18 3.78 1.53
N ASN A 16 -0.29 3.80 0.54
CA ASN A 16 -0.36 4.81 -0.49
C ASN A 16 -1.74 4.78 -1.14
N ALA A 17 -2.19 3.57 -1.43
CA ALA A 17 -3.45 3.39 -2.15
C ALA A 17 -4.60 3.85 -1.26
N LEU A 18 -4.50 3.51 0.02
CA LEU A 18 -5.54 3.85 0.97
C LEU A 18 -5.67 5.38 1.07
N LYS A 19 -4.51 6.03 1.10
CA LYS A 19 -4.48 7.48 1.23
C LYS A 19 -5.03 8.10 -0.05
N LYS A 20 -4.77 7.43 -1.16
CA LYS A 20 -5.24 7.90 -2.46
C LYS A 20 -6.77 7.80 -2.50
N LYS A 21 -7.27 6.75 -1.87
CA LYS A 21 -8.71 6.53 -1.81
C LYS A 21 -9.35 7.61 -0.93
N LEU A 22 -8.66 7.90 0.18
CA LEU A 22 -9.17 8.87 1.13
C LEU A 22 -9.10 10.27 0.52
N LYS A 23 -8.12 10.46 -0.35
CA LYS A 23 -7.98 11.72 -1.06
C LYS A 23 -9.22 11.96 -1.91
N GLY A 24 -9.65 10.90 -2.58
CA GLY A 24 -10.83 10.98 -3.43
C GLY A 24 -10.52 10.52 -4.85
N GLU A 25 -9.23 10.42 -5.14
CA GLU A 25 -8.79 9.93 -6.43
C GLU A 25 -8.93 8.41 -6.51
N LYS A 26 -10.05 7.98 -7.08
CA LYS A 26 -10.35 6.56 -7.16
C LYS A 26 -11.47 6.33 -8.18
N SER A 1 9.44 -19.23 -6.00
CA SER A 1 8.23 -19.58 -6.73
C SER A 1 7.07 -18.68 -6.29
N MET A 2 6.52 -19.02 -5.15
CA MET A 2 5.30 -18.36 -4.68
C MET A 2 5.64 -17.23 -3.69
N TRP A 3 6.37 -17.59 -2.66
CA TRP A 3 6.55 -16.71 -1.51
C TRP A 3 7.76 -15.82 -1.78
N SER A 4 7.55 -14.78 -2.58
CA SER A 4 8.60 -13.83 -2.86
C SER A 4 8.86 -12.95 -1.63
N GLY A 5 10.07 -12.42 -1.58
CA GLY A 5 10.46 -11.53 -0.48
C GLY A 5 9.85 -10.14 -0.68
N MET A 6 8.57 -10.04 -0.36
CA MET A 6 7.85 -8.80 -0.53
C MET A 6 6.66 -8.71 0.43
N TRP A 7 6.66 -7.65 1.23
CA TRP A 7 5.65 -7.51 2.28
C TRP A 7 5.58 -6.03 2.65
N ARG A 8 6.72 -5.49 3.05
CA ARG A 8 6.81 -4.10 3.46
C ARG A 8 6.42 -3.18 2.29
N ARG A 9 6.79 -3.61 1.09
CA ARG A 9 6.49 -2.84 -0.10
C ARG A 9 5.01 -2.95 -0.46
N LYS A 10 4.44 -4.10 -0.11
CA LYS A 10 3.02 -4.31 -0.32
C LYS A 10 2.22 -3.44 0.66
N LEU A 11 2.77 -3.31 1.86
CA LEU A 11 2.13 -2.49 2.88
C LEU A 11 2.28 -1.01 2.51
N LYS A 12 3.40 -0.71 1.88
CA LYS A 12 3.64 0.65 1.41
C LYS A 12 2.65 0.97 0.29
N LYS A 13 2.44 0.00 -0.57
CA LYS A 13 1.52 0.17 -1.68
C LYS A 13 0.09 0.33 -1.14
N LEU A 14 -0.20 -0.46 -0.12
CA LEU A 14 -1.52 -0.40 0.51
C LEU A 14 -1.73 0.99 1.09
N ARG A 15 -0.76 1.43 1.86
CA ARG A 15 -0.81 2.75 2.46
C ARG A 15 -1.06 3.82 1.38
N ASN A 16 -0.19 3.80 0.38
CA ASN A 16 -0.26 4.81 -0.67
C ASN A 16 -1.66 4.80 -1.30
N ALA A 17 -2.13 3.60 -1.60
CA ALA A 17 -3.40 3.45 -2.28
C ALA A 17 -4.53 3.94 -1.38
N LEU A 18 -4.38 3.64 -0.09
CA LEU A 18 -5.42 3.98 0.88
C LEU A 18 -5.51 5.50 1.00
N LYS A 19 -4.35 6.15 0.98
CA LYS A 19 -4.29 7.59 1.13
C LYS A 19 -4.92 8.24 -0.09
N LYS A 20 -4.63 7.67 -1.26
CA LYS A 20 -5.19 8.17 -2.49
C LYS A 20 -6.71 8.06 -2.44
N LYS A 21 -7.17 6.91 -1.96
CA LYS A 21 -8.60 6.61 -1.96
C LYS A 21 -9.29 7.46 -0.89
N LEU A 22 -8.53 7.76 0.16
CA LEU A 22 -9.05 8.59 1.23
C LEU A 22 -9.22 10.03 0.73
N LYS A 23 -8.29 10.43 -0.13
CA LYS A 23 -8.37 11.74 -0.75
C LYS A 23 -9.54 11.76 -1.74
N GLY A 24 -9.61 10.71 -2.53
CA GLY A 24 -10.63 10.61 -3.57
C GLY A 24 -10.20 9.65 -4.68
N GLU A 25 -8.94 9.78 -5.09
CA GLU A 25 -8.44 9.03 -6.23
C GLU A 25 -9.36 9.21 -7.44
N LYS A 26 -9.29 10.41 -8.01
CA LYS A 26 -10.17 10.77 -9.10
C LYS A 26 -9.64 12.02 -9.80
N SER A 1 5.25 -17.34 3.34
CA SER A 1 4.49 -16.16 2.95
C SER A 1 5.15 -14.91 3.53
N MET A 2 4.71 -13.77 3.02
CA MET A 2 5.18 -12.49 3.54
C MET A 2 6.72 -12.43 3.54
N TRP A 3 7.28 -12.31 2.35
CA TRP A 3 8.72 -12.26 2.20
C TRP A 3 9.19 -10.87 2.65
N SER A 4 10.35 -10.86 3.30
CA SER A 4 10.91 -9.61 3.79
C SER A 4 11.20 -8.67 2.62
N GLY A 5 10.90 -7.41 2.84
CA GLY A 5 11.05 -6.41 1.79
C GLY A 5 9.78 -6.30 0.94
N MET A 6 9.44 -7.43 0.32
CA MET A 6 8.25 -7.48 -0.52
C MET A 6 6.99 -7.15 0.29
N TRP A 7 6.96 -7.66 1.52
CA TRP A 7 5.82 -7.45 2.38
C TRP A 7 5.71 -5.96 2.69
N ARG A 8 6.87 -5.36 2.95
CA ARG A 8 6.92 -3.96 3.34
C ARG A 8 6.51 -3.07 2.16
N ARG A 9 6.91 -3.49 0.98
CA ARG A 9 6.54 -2.79 -0.24
C ARG A 9 5.03 -2.90 -0.48
N LYS A 10 4.50 -4.07 -0.14
CA LYS A 10 3.08 -4.31 -0.30
C LYS A 10 2.31 -3.41 0.67
N LEU A 11 2.85 -3.30 1.88
CA LEU A 11 2.22 -2.49 2.91
C LEU A 11 2.30 -1.02 2.52
N LYS A 12 3.41 -0.67 1.89
CA LYS A 12 3.62 0.70 1.46
C LYS A 12 2.63 1.03 0.34
N LYS A 13 2.44 0.08 -0.55
CA LYS A 13 1.54 0.26 -1.67
C LYS A 13 0.10 0.36 -1.16
N LEU A 14 -0.19 -0.48 -0.17
CA LEU A 14 -1.51 -0.47 0.43
C LEU A 14 -1.78 0.89 1.06
N ARG A 15 -0.83 1.33 1.87
CA ARG A 15 -0.93 2.63 2.51
C ARG A 15 -1.19 3.73 1.47
N ASN A 16 -0.29 3.77 0.49
CA ASN A 16 -0.36 4.80 -0.52
C ASN A 16 -1.74 4.79 -1.18
N ALA A 17 -2.18 3.58 -1.51
CA ALA A 17 -3.43 3.41 -2.24
C ALA A 17 -4.60 3.87 -1.35
N LEU A 18 -4.49 3.53 -0.08
CA LEU A 18 -5.54 3.84 0.87
C LEU A 18 -5.65 5.36 1.03
N LYS A 19 -4.50 6.01 1.08
CA LYS A 19 -4.45 7.45 1.23
C LYS A 19 -5.03 8.11 -0.02
N LYS A 20 -4.75 7.48 -1.16
CA LYS A 20 -5.25 7.99 -2.42
C LYS A 20 -6.77 7.88 -2.46
N LYS A 21 -7.28 6.80 -1.88
CA LYS A 21 -8.70 6.56 -1.83
C LYS A 21 -9.35 7.60 -0.91
N LEU A 22 -8.69 7.86 0.21
CA LEU A 22 -9.22 8.77 1.21
C LEU A 22 -9.15 10.20 0.65
N LYS A 23 -8.13 10.45 -0.16
CA LYS A 23 -7.98 11.75 -0.79
C LYS A 23 -9.05 11.93 -1.85
N GLY A 24 -9.26 10.88 -2.63
CA GLY A 24 -10.17 10.94 -3.76
C GLY A 24 -9.50 11.64 -4.96
N GLU A 25 -8.42 11.04 -5.43
CA GLU A 25 -7.63 11.64 -6.50
C GLU A 25 -7.05 10.55 -7.39
N LYS A 26 -7.64 10.40 -8.56
CA LYS A 26 -7.08 9.54 -9.59
C LYS A 26 -6.97 8.12 -9.06
N SER A 1 6.91 -19.05 1.20
CA SER A 1 6.66 -17.83 1.97
C SER A 1 5.21 -17.39 1.79
N MET A 2 4.69 -16.73 2.82
CA MET A 2 3.34 -16.19 2.77
C MET A 2 3.29 -14.90 1.96
N TRP A 3 4.18 -13.98 2.32
CA TRP A 3 4.21 -12.68 1.68
C TRP A 3 5.32 -12.70 0.61
N SER A 4 5.09 -13.49 -0.42
CA SER A 4 6.09 -13.67 -1.46
C SER A 4 6.13 -12.41 -2.35
N GLY A 5 7.31 -12.13 -2.85
CA GLY A 5 7.50 -10.97 -3.71
C GLY A 5 7.66 -9.69 -2.88
N MET A 6 6.55 -9.27 -2.30
CA MET A 6 6.54 -8.06 -1.49
C MET A 6 5.87 -8.31 -0.13
N TRP A 7 6.23 -7.47 0.82
CA TRP A 7 5.53 -7.46 2.10
C TRP A 7 5.49 -6.00 2.61
N ARG A 8 6.67 -5.47 2.85
CA ARG A 8 6.79 -4.10 3.33
C ARG A 8 6.46 -3.12 2.21
N ARG A 9 6.86 -3.48 1.01
CA ARG A 9 6.54 -2.69 -0.16
C ARG A 9 5.06 -2.84 -0.54
N LYS A 10 4.51 -3.99 -0.13
CA LYS A 10 3.09 -4.23 -0.33
C LYS A 10 2.28 -3.37 0.64
N LEU A 11 2.78 -3.29 1.87
CA LEU A 11 2.12 -2.50 2.89
C LEU A 11 2.26 -1.01 2.56
N LYS A 12 3.37 -0.69 1.92
CA LYS A 12 3.61 0.67 1.47
C LYS A 12 2.62 1.01 0.35
N LYS A 13 2.44 0.06 -0.55
CA LYS A 13 1.54 0.24 -1.67
C LYS A 13 0.10 0.35 -1.13
N LEU A 14 -0.19 -0.45 -0.13
CA LEU A 14 -1.52 -0.43 0.48
C LEU A 14 -1.76 0.94 1.11
N ARG A 15 -0.79 1.38 1.89
CA ARG A 15 -0.87 2.70 2.51
C ARG A 15 -1.15 3.77 1.45
N ASN A 16 -0.27 3.80 0.45
CA ASN A 16 -0.37 4.82 -0.59
C ASN A 16 -1.75 4.78 -1.21
N ALA A 17 -2.20 3.58 -1.53
CA ALA A 17 -3.46 3.40 -2.22
C ALA A 17 -4.60 3.87 -1.32
N LEU A 18 -4.47 3.56 -0.03
CA LEU A 18 -5.50 3.90 0.93
C LEU A 18 -5.61 5.41 1.05
N LYS A 19 -4.44 6.06 1.05
CA LYS A 19 -4.38 7.50 1.19
C LYS A 19 -4.96 8.16 -0.07
N LYS A 20 -4.71 7.51 -1.20
CA LYS A 20 -5.19 8.01 -2.48
C LYS A 20 -6.73 7.92 -2.51
N LYS A 21 -7.23 6.83 -1.94
CA LYS A 21 -8.66 6.60 -1.91
C LYS A 21 -9.31 7.54 -0.90
N LEU A 22 -8.58 7.79 0.18
CA LEU A 22 -9.07 8.68 1.22
C LEU A 22 -9.12 10.10 0.68
N LYS A 23 -8.11 10.44 -0.12
CA LYS A 23 -8.08 11.74 -0.78
C LYS A 23 -9.21 11.80 -1.82
N GLY A 24 -9.36 10.70 -2.55
CA GLY A 24 -10.27 10.67 -3.68
C GLY A 24 -9.65 11.35 -4.90
N GLU A 25 -8.37 11.07 -5.10
CA GLU A 25 -7.63 11.75 -6.15
C GLU A 25 -8.07 11.26 -7.52
N LYS A 26 -8.02 9.95 -7.70
CA LYS A 26 -8.38 9.35 -8.97
C LYS A 26 -8.59 7.84 -8.78
N SER A 1 10.40 -12.55 10.95
CA SER A 1 9.22 -12.72 10.12
C SER A 1 9.55 -13.62 8.92
N MET A 2 8.51 -14.20 8.35
CA MET A 2 8.68 -15.09 7.22
C MET A 2 8.95 -14.29 5.94
N TRP A 3 8.26 -13.16 5.83
CA TRP A 3 8.35 -12.34 4.63
C TRP A 3 9.10 -11.05 5.00
N SER A 4 9.72 -10.45 4.00
CA SER A 4 10.42 -9.20 4.20
C SER A 4 10.66 -8.51 2.84
N GLY A 5 10.82 -7.20 2.90
CA GLY A 5 11.11 -6.43 1.71
C GLY A 5 9.85 -6.25 0.86
N MET A 6 9.50 -7.31 0.15
CA MET A 6 8.34 -7.27 -0.72
C MET A 6 7.06 -7.03 0.08
N TRP A 7 7.04 -7.60 1.28
CA TRP A 7 5.88 -7.46 2.15
C TRP A 7 5.75 -5.99 2.54
N ARG A 8 6.89 -5.39 2.86
CA ARG A 8 6.90 -4.02 3.33
C ARG A 8 6.52 -3.06 2.21
N ARG A 9 6.95 -3.41 1.01
CA ARG A 9 6.63 -2.61 -0.16
C ARG A 9 5.13 -2.75 -0.49
N LYS A 10 4.61 -3.94 -0.22
CA LYS A 10 3.20 -4.21 -0.45
C LYS A 10 2.36 -3.41 0.55
N LEU A 11 2.86 -3.35 1.78
CA LEU A 11 2.19 -2.61 2.83
C LEU A 11 2.27 -1.11 2.52
N LYS A 12 3.39 -0.71 1.95
CA LYS A 12 3.59 0.67 1.56
C LYS A 12 2.60 1.02 0.44
N LYS A 13 2.44 0.08 -0.48
CA LYS A 13 1.54 0.27 -1.59
C LYS A 13 0.10 0.35 -1.08
N LEU A 14 -0.19 -0.48 -0.09
CA LEU A 14 -1.50 -0.49 0.53
C LEU A 14 -1.78 0.88 1.15
N ARG A 15 -0.83 1.36 1.93
CA ARG A 15 -0.93 2.68 2.52
C ARG A 15 -1.21 3.73 1.45
N ASN A 16 -0.33 3.74 0.45
CA ASN A 16 -0.41 4.76 -0.59
C ASN A 16 -1.80 4.72 -1.23
N ALA A 17 -2.25 3.50 -1.51
CA ALA A 17 -3.52 3.31 -2.21
C ALA A 17 -4.66 3.78 -1.32
N LEU A 18 -4.52 3.50 -0.03
CA LEU A 18 -5.54 3.86 0.93
C LEU A 18 -5.65 5.39 1.00
N LYS A 19 -4.49 6.03 1.00
CA LYS A 19 -4.44 7.48 1.10
C LYS A 19 -5.00 8.09 -0.20
N LYS A 20 -4.76 7.38 -1.29
CA LYS A 20 -5.29 7.81 -2.58
C LYS A 20 -6.81 7.81 -2.53
N LYS A 21 -7.35 6.78 -1.88
CA LYS A 21 -8.80 6.61 -1.81
C LYS A 21 -9.38 7.68 -0.89
N LEU A 22 -8.72 7.89 0.23
CA LEU A 22 -9.22 8.79 1.24
C LEU A 22 -9.17 10.23 0.72
N LYS A 23 -8.10 10.51 -0.02
CA LYS A 23 -7.91 11.84 -0.58
C LYS A 23 -8.87 12.02 -1.76
N GLY A 24 -9.06 10.94 -2.51
CA GLY A 24 -9.85 11.01 -3.73
C GLY A 24 -9.03 11.61 -4.87
N GLU A 25 -7.74 11.31 -4.85
CA GLU A 25 -6.83 11.88 -5.84
C GLU A 25 -6.85 11.06 -7.12
N LYS A 26 -7.47 11.62 -8.15
CA LYS A 26 -7.40 11.05 -9.48
C LYS A 26 -7.97 9.62 -9.45
N SER A 1 4.07 -17.52 5.17
CA SER A 1 4.48 -16.19 5.57
C SER A 1 3.81 -15.15 4.66
N MET A 2 3.62 -13.96 5.22
CA MET A 2 2.89 -12.92 4.52
C MET A 2 3.82 -12.10 3.61
N TRP A 3 4.20 -12.74 2.51
CA TRP A 3 4.96 -12.04 1.48
C TRP A 3 6.27 -11.56 2.10
N SER A 4 6.85 -12.41 2.92
CA SER A 4 8.08 -12.07 3.60
C SER A 4 9.19 -11.79 2.58
N GLY A 5 9.82 -10.64 2.74
CA GLY A 5 10.82 -10.20 1.77
C GLY A 5 10.34 -8.94 1.03
N MET A 6 9.03 -8.80 0.95
CA MET A 6 8.43 -7.66 0.28
C MET A 6 7.09 -7.29 0.91
N TRP A 7 6.98 -7.57 2.20
CA TRP A 7 5.74 -7.31 2.92
C TRP A 7 5.63 -5.80 3.13
N ARG A 8 6.76 -5.20 3.47
CA ARG A 8 6.79 -3.77 3.77
C ARG A 8 6.46 -2.97 2.52
N ARG A 9 6.88 -3.49 1.39
CA ARG A 9 6.63 -2.84 0.11
C ARG A 9 5.14 -2.93 -0.23
N LYS A 10 4.54 -4.06 0.14
CA LYS A 10 3.13 -4.29 -0.12
C LYS A 10 2.29 -3.41 0.81
N LEU A 11 2.79 -3.23 2.03
CA LEU A 11 2.12 -2.40 3.00
C LEU A 11 2.25 -0.93 2.59
N LYS A 12 3.38 -0.62 1.98
CA LYS A 12 3.62 0.72 1.49
C LYS A 12 2.67 1.00 0.31
N LYS A 13 2.52 0.00 -0.53
CA LYS A 13 1.67 0.12 -1.69
C LYS A 13 0.20 0.25 -1.24
N LEU A 14 -0.12 -0.50 -0.19
CA LEU A 14 -1.45 -0.45 0.37
C LEU A 14 -1.73 0.96 0.90
N ARG A 15 -0.81 1.45 1.71
CA ARG A 15 -0.91 2.79 2.25
C ARG A 15 -1.12 3.80 1.12
N ASN A 16 -0.21 3.76 0.16
CA ASN A 16 -0.23 4.70 -0.94
C ASN A 16 -1.61 4.66 -1.61
N ALA A 17 -2.07 3.45 -1.87
CA ALA A 17 -3.31 3.25 -2.59
C ALA A 17 -4.48 3.75 -1.75
N LEU A 18 -4.36 3.52 -0.45
CA LEU A 18 -5.45 3.82 0.47
C LEU A 18 -5.61 5.34 0.57
N LYS A 19 -4.47 6.02 0.54
CA LYS A 19 -4.48 7.47 0.66
C LYS A 19 -5.25 8.08 -0.52
N LYS A 20 -5.14 7.41 -1.66
CA LYS A 20 -5.80 7.89 -2.87
C LYS A 20 -7.32 7.78 -2.70
N LYS A 21 -7.72 6.81 -1.90
CA LYS A 21 -9.14 6.58 -1.66
C LYS A 21 -9.65 7.63 -0.67
N LEU A 22 -8.90 7.81 0.40
CA LEU A 22 -9.37 8.61 1.52
C LEU A 22 -9.24 10.09 1.19
N LYS A 23 -8.02 10.48 0.86
CA LYS A 23 -7.71 11.89 0.69
C LYS A 23 -8.08 12.33 -0.72
N GLY A 24 -8.14 11.35 -1.61
CA GLY A 24 -8.49 11.63 -3.01
C GLY A 24 -7.24 11.71 -3.89
N GLU A 25 -6.45 12.74 -3.63
CA GLU A 25 -5.23 12.95 -4.39
C GLU A 25 -5.53 12.93 -5.90
N LYS A 26 -6.38 13.85 -6.31
CA LYS A 26 -6.89 13.85 -7.67
C LYS A 26 -7.54 15.20 -7.97
N SER A 1 6.94 -17.96 5.25
CA SER A 1 6.07 -16.86 5.59
C SER A 1 4.82 -16.89 4.71
N MET A 2 3.76 -16.26 5.21
CA MET A 2 2.51 -16.19 4.47
C MET A 2 2.60 -15.19 3.31
N TRP A 3 3.39 -14.15 3.55
CA TRP A 3 3.48 -13.05 2.59
C TRP A 3 4.79 -13.21 1.80
N SER A 4 4.79 -12.65 0.60
CA SER A 4 5.96 -12.73 -0.25
C SER A 4 5.95 -11.58 -1.26
N GLY A 5 7.11 -11.32 -1.83
CA GLY A 5 7.25 -10.22 -2.77
C GLY A 5 7.33 -8.87 -2.05
N MET A 6 8.30 -8.78 -1.15
CA MET A 6 8.50 -7.56 -0.39
C MET A 6 7.19 -7.13 0.29
N TRP A 7 6.92 -7.73 1.42
CA TRP A 7 5.66 -7.50 2.11
C TRP A 7 5.61 -6.03 2.52
N ARG A 8 6.78 -5.50 2.85
CA ARG A 8 6.86 -4.14 3.37
C ARG A 8 6.47 -3.14 2.29
N ARG A 9 6.87 -3.45 1.06
CA ARG A 9 6.57 -2.58 -0.06
C ARG A 9 5.11 -2.74 -0.49
N LYS A 10 4.58 -3.92 -0.23
CA LYS A 10 3.17 -4.19 -0.48
C LYS A 10 2.33 -3.40 0.52
N LEU A 11 2.84 -3.32 1.75
CA LEU A 11 2.16 -2.57 2.79
C LEU A 11 2.26 -1.08 2.48
N LYS A 12 3.38 -0.70 1.90
CA LYS A 12 3.59 0.68 1.48
C LYS A 12 2.61 1.02 0.36
N LYS A 13 2.44 0.06 -0.54
CA LYS A 13 1.54 0.24 -1.66
C LYS A 13 0.10 0.35 -1.14
N LEU A 14 -0.21 -0.49 -0.16
CA LEU A 14 -1.52 -0.47 0.44
C LEU A 14 -1.78 0.90 1.07
N ARG A 15 -0.82 1.33 1.88
CA ARG A 15 -0.92 2.63 2.53
C ARG A 15 -1.18 3.72 1.48
N ASN A 16 -0.30 3.78 0.48
CA ASN A 16 -0.38 4.81 -0.53
C ASN A 16 -1.77 4.77 -1.17
N ALA A 17 -2.21 3.56 -1.51
CA ALA A 17 -3.46 3.39 -2.21
C ALA A 17 -4.61 3.87 -1.32
N LEU A 18 -4.48 3.56 -0.03
CA LEU A 18 -5.52 3.91 0.93
C LEU A 18 -5.60 5.44 1.05
N LYS A 19 -4.44 6.06 1.06
CA LYS A 19 -4.35 7.50 1.18
C LYS A 19 -4.99 8.15 -0.05
N LYS A 20 -4.75 7.54 -1.20
CA LYS A 20 -5.31 8.03 -2.44
C LYS A 20 -6.82 7.83 -2.42
N LYS A 21 -7.24 6.76 -1.77
CA LYS A 21 -8.66 6.47 -1.63
C LYS A 21 -9.32 7.54 -0.77
N LEU A 22 -8.64 7.89 0.30
CA LEU A 22 -9.17 8.86 1.25
C LEU A 22 -9.15 10.25 0.63
N LYS A 23 -8.14 10.47 -0.21
CA LYS A 23 -8.00 11.74 -0.91
C LYS A 23 -9.07 11.84 -1.99
N GLY A 24 -9.36 10.71 -2.60
CA GLY A 24 -10.22 10.68 -3.78
C GLY A 24 -9.39 10.77 -5.06
N GLU A 25 -8.11 10.48 -4.92
CA GLU A 25 -7.20 10.50 -6.06
C GLU A 25 -7.23 9.14 -6.77
N LYS A 26 -7.54 8.12 -6.00
CA LYS A 26 -7.55 6.76 -6.54
C LYS A 26 -8.64 6.64 -7.59
#